data_4FGM
#
_entry.id   4FGM
#
_cell.length_a   119.657
_cell.length_b   119.657
_cell.length_c   220.134
_cell.angle_alpha   90.000
_cell.angle_beta   90.000
_cell.angle_gamma   120.000
#
_symmetry.space_group_name_H-M   'P 62 2 2'
#
loop_
_entity.id
_entity.type
_entity.pdbx_description
1 polymer 'Aminopeptidase N family protein'
2 non-polymer 'MALEIC ACID'
3 non-polymer 'ZINC ION'
4 water water
#
_entity_poly.entity_id   1
_entity_poly.type   'polypeptide(L)'
_entity_poly.pdbx_seq_one_letter_code
;(MSE)IAYDITPIDLHGHLFNVSLTIEQTNDEQELWLPNWIPGSYLIRDFSKHIIGLHAESNGLSLPVKQISKNRWQLAR
SKHPVTVHYQVYAWDLSVRSAYLDQFQGFFNNTSLCLAVEGQTDLPCELHLHAPPEAPLWKVATG(MSE)PRKSGQPHSW
GCFRADNYDALIDYPFLIGDLTIEEFIAHGIKHSLVLSGRHYADTSRITADLAKICETQISLFEEAPFQSYTFLT(MSE)
VVGNGFGGLEHRNSTALLCSRKDLISAHQYE(MSE)NDNYQTFLSLCCHEYFHSWNIKTLKPKAFLPYQLEKESYTEQLW
FYEG(MSE)TSYFDDYLLHTSGIIDEKRYLKLLGDTLSRVERGAGQYQQSVTESSFLAWTKFYQQNENAPNSIVSYYAKG
ALIALSLDL(MSE)LRLQSDHKLTLARV(MSE)KELWHEFGKTSIGTADDTVINWLNQYPGIDISDFLKDALYNKESLSL
VELLQNFGV(MSE)VQKQVPVDDNSVGGKASEQPARVNFGAKYKASPQGLDVLNVYHDESAYHAGLSAGDKIIAIDHLQA
TEQSVKRILERYIPGDTVTIHAFRRDEL(MSE)TLELTWQEPAKSSYVLSVEQPDKLKGWLTPSGLEHHHHHH
;
_entity_poly.pdbx_strand_id   A
#
loop_
_chem_comp.id
_chem_comp.type
_chem_comp.name
_chem_comp.formula
MAE non-polymer 'MALEIC ACID' 'C4 H4 O4'
ZN non-polymer 'ZINC ION' 'Zn 2'
#
# COMPACT_ATOMS: atom_id res chain seq x y z
N MSE A 1 27.18 10.45 -18.03
CA MSE A 1 26.43 10.77 -16.79
C MSE A 1 25.42 11.88 -17.09
O MSE A 1 25.72 12.81 -17.83
CB MSE A 1 27.41 11.23 -15.70
CG MSE A 1 27.58 12.75 -15.54
SE MSE A 1 26.25 13.51 -14.34
CE MSE A 1 26.04 11.97 -13.21
N ILE A 2 24.23 11.74 -16.53
CA ILE A 2 23.15 12.71 -16.75
C ILE A 2 23.01 13.55 -15.48
N ALA A 3 22.85 14.86 -15.64
CA ALA A 3 22.74 15.75 -14.49
C ALA A 3 21.37 16.40 -14.35
N TYR A 4 20.83 16.35 -13.14
CA TYR A 4 19.52 16.93 -12.85
C TYR A 4 19.63 18.01 -11.78
N ASP A 5 19.09 19.19 -12.06
CA ASP A 5 19.07 20.27 -11.07
C ASP A 5 17.64 20.56 -10.69
N ILE A 6 17.33 20.43 -9.40
CA ILE A 6 15.98 20.68 -8.94
C ILE A 6 15.91 21.77 -7.88
N THR A 7 14.95 22.66 -8.04
CA THR A 7 14.77 23.74 -7.09
C THR A 7 13.28 23.94 -6.81
N PRO A 8 12.89 23.96 -5.53
CA PRO A 8 11.48 24.18 -5.18
C PRO A 8 11.35 25.69 -5.33
N ILE A 9 11.24 26.15 -6.57
CA ILE A 9 11.21 27.59 -6.86
C ILE A 9 9.99 28.41 -6.48
N ASP A 10 8.80 27.82 -6.54
CA ASP A 10 7.59 28.56 -6.24
C ASP A 10 6.70 27.81 -5.26
N LEU A 11 6.83 28.14 -3.98
CA LEU A 11 6.06 27.50 -2.93
C LEU A 11 4.55 27.71 -3.01
N HIS A 12 4.12 28.94 -3.25
CA HIS A 12 2.69 29.23 -3.35
C HIS A 12 2.08 28.70 -4.64
N GLY A 13 2.90 28.62 -5.69
CA GLY A 13 2.42 28.11 -6.97
C GLY A 13 2.60 26.59 -7.09
N HIS A 14 3.25 25.97 -6.10
CA HIS A 14 3.46 24.53 -6.12
C HIS A 14 4.26 24.12 -7.37
N LEU A 15 5.35 24.82 -7.64
CA LEU A 15 6.16 24.54 -8.80
C LEU A 15 7.63 24.29 -8.52
N PHE A 16 8.16 23.20 -9.07
CA PHE A 16 9.57 22.91 -8.93
C PHE A 16 10.19 23.33 -10.27
N ASN A 17 11.41 23.86 -10.25
CA ASN A 17 12.09 24.20 -11.49
C ASN A 17 13.01 23.01 -11.69
N VAL A 18 13.08 22.51 -12.91
CA VAL A 18 13.95 21.38 -13.18
C VAL A 18 14.81 21.61 -14.42
N SER A 19 16.08 21.25 -14.29
CA SER A 19 17.04 21.36 -15.38
C SER A 19 17.67 20.00 -15.57
N LEU A 20 17.93 19.68 -16.83
CA LEU A 20 18.51 18.40 -17.20
C LEU A 20 19.65 18.72 -18.16
N THR A 21 20.84 18.25 -17.84
CA THR A 21 21.99 18.50 -18.70
C THR A 21 22.58 17.23 -19.31
N ILE A 22 22.48 17.14 -20.63
CA ILE A 22 23.00 15.98 -21.35
C ILE A 22 24.28 16.38 -22.06
N GLU A 23 25.40 15.79 -21.62
CA GLU A 23 26.72 16.08 -22.18
C GLU A 23 26.76 15.82 -23.68
N GLN A 24 26.22 14.68 -24.08
CA GLN A 24 26.17 14.30 -25.48
C GLN A 24 24.84 13.66 -25.84
N THR A 25 24.10 14.31 -26.74
CA THR A 25 22.81 13.81 -27.18
C THR A 25 23.01 13.04 -28.47
N ASN A 26 22.07 12.15 -28.80
CA ASN A 26 22.16 11.40 -30.04
C ASN A 26 21.37 12.14 -31.10
N ASP A 27 21.37 11.65 -32.33
CA ASP A 27 20.64 12.32 -33.40
C ASP A 27 19.16 12.31 -33.06
N GLU A 28 18.55 13.49 -33.00
CA GLU A 28 17.14 13.59 -32.67
C GLU A 28 16.90 12.85 -31.34
N GLN A 29 17.63 13.28 -30.31
CA GLN A 29 17.55 12.69 -28.97
C GLN A 29 16.14 12.80 -28.39
N GLU A 30 15.69 11.73 -27.75
CA GLU A 30 14.36 11.73 -27.13
C GLU A 30 14.44 11.71 -25.61
N LEU A 31 13.46 12.36 -25.00
CA LEU A 31 13.34 12.43 -23.54
C LEU A 31 11.95 11.90 -23.20
N TRP A 32 11.85 11.08 -22.16
CA TRP A 32 10.55 10.54 -21.78
C TRP A 32 10.36 10.48 -20.27
N LEU A 33 9.10 10.43 -19.85
CA LEU A 33 8.78 10.36 -18.44
C LEU A 33 7.91 9.13 -18.15
N PRO A 34 8.22 8.41 -17.08
CA PRO A 34 7.44 7.22 -16.73
C PRO A 34 5.94 7.53 -16.69
N ASN A 35 5.11 6.59 -17.12
CA ASN A 35 3.67 6.81 -17.08
C ASN A 35 3.06 6.21 -15.81
N TRP A 36 3.90 5.53 -15.03
CA TRP A 36 3.48 4.96 -13.76
C TRP A 36 4.71 4.74 -12.89
N ILE A 37 4.53 4.68 -11.57
CA ILE A 37 5.65 4.49 -10.66
C ILE A 37 5.66 3.10 -10.03
N PRO A 38 6.83 2.44 -10.03
CA PRO A 38 6.97 1.10 -9.46
C PRO A 38 6.30 1.00 -8.09
N GLY A 39 5.57 -0.09 -7.86
CA GLY A 39 4.92 -0.29 -6.59
C GLY A 39 3.47 0.16 -6.55
N SER A 40 3.05 0.94 -7.55
CA SER A 40 1.67 1.42 -7.62
C SER A 40 1.22 1.15 -9.06
N TYR A 41 0.53 0.04 -9.24
CA TYR A 41 0.12 -0.40 -10.55
C TYR A 41 -1.10 0.26 -11.15
N LEU A 42 -0.92 1.55 -11.50
CA LEU A 42 -1.97 2.35 -12.12
C LEU A 42 -1.31 3.40 -13.03
N ILE A 43 -1.71 3.44 -14.29
CA ILE A 43 -1.17 4.40 -15.22
C ILE A 43 -1.60 5.76 -14.70
N ARG A 44 -0.64 6.64 -14.42
CA ARG A 44 -0.95 7.96 -13.89
C ARG A 44 -0.59 9.19 -14.73
N ASP A 45 0.05 8.97 -15.87
CA ASP A 45 0.43 10.07 -16.78
C ASP A 45 1.06 11.30 -16.09
N PHE A 46 2.12 11.08 -15.32
CA PHE A 46 2.79 12.18 -14.61
C PHE A 46 3.17 13.34 -15.53
N SER A 47 3.48 13.04 -16.78
CA SER A 47 3.87 14.07 -17.75
C SER A 47 2.96 15.29 -17.86
N LYS A 48 1.71 15.16 -17.44
CA LYS A 48 0.77 16.28 -17.52
C LYS A 48 1.12 17.46 -16.61
N HIS A 49 1.99 17.22 -15.63
CA HIS A 49 2.40 18.27 -14.70
C HIS A 49 3.65 19.04 -15.16
N ILE A 50 4.26 18.58 -16.25
CA ILE A 50 5.44 19.22 -16.80
C ILE A 50 4.96 20.46 -17.54
N ILE A 51 5.58 21.60 -17.24
CA ILE A 51 5.17 22.88 -17.80
C ILE A 51 6.31 23.73 -18.36
N GLY A 52 6.02 24.39 -19.48
CA GLY A 52 6.97 25.28 -20.13
C GLY A 52 8.33 24.70 -20.40
N LEU A 53 8.39 23.52 -21.00
CA LEU A 53 9.67 22.90 -21.30
C LEU A 53 10.31 23.54 -22.53
N HIS A 54 11.61 23.82 -22.44
CA HIS A 54 12.35 24.37 -23.57
C HIS A 54 13.80 23.87 -23.46
N ALA A 55 14.57 24.04 -24.52
CA ALA A 55 15.94 23.56 -24.51
C ALA A 55 16.94 24.58 -25.00
N GLU A 56 18.20 24.37 -24.69
CA GLU A 56 19.24 25.29 -25.11
C GLU A 56 20.55 24.55 -25.27
N SER A 57 21.38 25.03 -26.21
CA SER A 57 22.67 24.42 -26.45
C SER A 57 23.61 25.46 -27.03
N ASN A 58 24.82 25.50 -26.49
CA ASN A 58 25.84 26.42 -26.95
C ASN A 58 25.33 27.86 -26.98
N GLY A 59 24.64 28.25 -25.91
CA GLY A 59 24.13 29.61 -25.79
C GLY A 59 22.97 29.99 -26.67
N LEU A 60 22.42 29.03 -27.40
CA LEU A 60 21.29 29.32 -28.29
C LEU A 60 20.11 28.43 -27.95
N SER A 61 18.90 28.95 -28.10
CA SER A 61 17.73 28.13 -27.81
C SER A 61 17.77 26.97 -28.78
N LEU A 62 17.39 25.79 -28.31
CA LEU A 62 17.38 24.60 -29.16
C LEU A 62 15.95 24.14 -29.33
N PRO A 63 15.54 23.84 -30.57
CA PRO A 63 14.18 23.39 -30.82
C PRO A 63 13.89 22.03 -30.18
N VAL A 64 12.70 21.88 -29.63
CA VAL A 64 12.27 20.64 -29.01
C VAL A 64 10.77 20.53 -29.21
N LYS A 65 10.29 19.37 -29.64
CA LYS A 65 8.85 19.19 -29.83
C LYS A 65 8.37 18.00 -29.03
N GLN A 66 7.14 18.08 -28.54
CA GLN A 66 6.57 16.98 -27.77
C GLN A 66 5.92 16.06 -28.81
N ILE A 67 6.32 14.80 -28.85
CA ILE A 67 5.76 13.89 -29.84
C ILE A 67 4.69 12.93 -29.33
N SER A 68 4.55 12.86 -28.00
CA SER A 68 3.50 12.02 -27.41
C SER A 68 3.15 12.60 -26.03
N LYS A 69 2.29 11.93 -25.28
CA LYS A 69 1.91 12.43 -23.97
C LYS A 69 3.06 12.54 -22.99
N ASN A 70 4.09 11.72 -23.16
CA ASN A 70 5.21 11.72 -22.24
C ASN A 70 6.58 11.68 -22.92
N ARG A 71 6.65 12.09 -24.18
CA ARG A 71 7.93 12.02 -24.89
C ARG A 71 8.24 13.27 -25.72
N TRP A 72 9.48 13.73 -25.60
CA TRP A 72 9.94 14.90 -26.33
C TRP A 72 11.11 14.53 -27.24
N GLN A 73 11.28 15.28 -28.32
CA GLN A 73 12.38 15.05 -29.26
C GLN A 73 13.16 16.34 -29.46
N LEU A 74 14.47 16.28 -29.22
CA LEU A 74 15.35 17.44 -29.34
C LEU A 74 15.96 17.58 -30.73
N ALA A 75 16.22 18.82 -31.13
CA ALA A 75 16.85 19.05 -32.42
C ALA A 75 18.31 18.61 -32.22
N ARG A 76 18.98 18.28 -33.33
CA ARG A 76 20.38 17.84 -33.29
C ARG A 76 21.30 18.91 -32.73
N SER A 77 22.38 18.48 -32.07
CA SER A 77 23.34 19.41 -31.53
C SER A 77 24.69 18.75 -31.33
N LYS A 78 25.76 19.46 -31.66
CA LYS A 78 27.13 18.95 -31.50
C LYS A 78 27.61 19.21 -30.09
N HIS A 79 26.89 20.06 -29.38
CA HIS A 79 27.25 20.43 -28.01
C HIS A 79 26.32 19.87 -26.95
N PRO A 80 26.74 19.96 -25.68
CA PRO A 80 25.92 19.48 -24.56
C PRO A 80 24.59 20.24 -24.61
N VAL A 81 23.51 19.61 -24.17
CA VAL A 81 22.21 20.27 -24.19
C VAL A 81 21.62 20.33 -22.78
N THR A 82 20.95 21.44 -22.49
CA THR A 82 20.31 21.66 -21.20
C THR A 82 18.81 21.84 -21.45
N VAL A 83 18.00 21.03 -20.78
CA VAL A 83 16.56 21.10 -20.92
C VAL A 83 15.98 21.68 -19.66
N HIS A 84 15.13 22.69 -19.79
CA HIS A 84 14.52 23.35 -18.64
C HIS A 84 13.01 23.17 -18.64
N TYR A 85 12.44 22.95 -17.46
CA TYR A 85 10.98 22.85 -17.33
C TYR A 85 10.58 22.99 -15.87
N GLN A 86 9.29 23.21 -15.66
CA GLN A 86 8.74 23.33 -14.32
C GLN A 86 7.83 22.14 -14.10
N VAL A 87 7.58 21.81 -12.84
CA VAL A 87 6.70 20.70 -12.53
C VAL A 87 5.68 21.14 -11.49
N TYR A 88 4.39 20.90 -11.80
CA TYR A 88 3.30 21.26 -10.88
C TYR A 88 3.15 20.14 -9.87
N ALA A 89 3.33 20.45 -8.59
CA ALA A 89 3.25 19.44 -7.54
C ALA A 89 2.20 19.74 -6.49
N TRP A 90 0.98 19.28 -6.72
CA TRP A 90 -0.12 19.50 -5.78
C TRP A 90 -0.94 18.23 -5.57
N ASP A 91 -0.25 17.11 -5.31
CA ASP A 91 -0.91 15.85 -5.06
C ASP A 91 -0.38 15.25 -3.77
N LEU A 92 -1.16 15.36 -2.70
CA LEU A 92 -0.76 14.83 -1.41
C LEU A 92 -0.86 13.30 -1.35
N SER A 93 0.20 12.63 -1.77
CA SER A 93 0.27 11.17 -1.75
C SER A 93 1.73 10.75 -1.85
N VAL A 94 2.02 9.50 -1.49
CA VAL A 94 3.40 8.97 -1.51
C VAL A 94 3.81 8.62 -2.90
N ARG A 95 2.91 8.92 -3.81
CA ARG A 95 3.11 8.58 -5.19
C ARG A 95 3.63 9.64 -6.19
N SER A 96 3.33 10.93 -6.05
CA SER A 96 3.86 11.84 -7.07
C SER A 96 4.77 13.00 -6.68
N ALA A 97 4.17 14.07 -6.16
CA ALA A 97 4.92 15.26 -5.75
C ALA A 97 3.96 16.29 -5.19
N TYR A 98 4.42 16.94 -4.13
CA TYR A 98 3.62 17.93 -3.42
C TYR A 98 4.55 19.03 -2.93
N LEU A 99 4.10 20.27 -3.04
CA LEU A 99 4.89 21.41 -2.60
C LEU A 99 4.05 22.65 -2.24
N ASP A 100 4.21 23.13 -1.01
CA ASP A 100 3.54 24.35 -0.57
C ASP A 100 4.50 25.07 0.38
N GLN A 101 4.05 26.05 1.14
CA GLN A 101 4.97 26.77 2.02
C GLN A 101 5.28 26.05 3.33
N PHE A 102 4.77 24.83 3.48
CA PHE A 102 5.03 24.10 4.72
C PHE A 102 5.89 22.85 4.51
N GLN A 103 5.82 22.27 3.32
CA GLN A 103 6.60 21.07 3.05
C GLN A 103 6.72 20.76 1.56
N GLY A 104 7.59 19.82 1.24
CA GLY A 104 7.79 19.40 -0.12
C GLY A 104 8.09 17.91 -0.16
N PHE A 105 7.53 17.22 -1.15
CA PHE A 105 7.76 15.80 -1.31
C PHE A 105 7.75 15.50 -2.81
N PHE A 106 8.59 14.56 -3.23
CA PHE A 106 8.60 14.19 -4.65
C PHE A 106 9.30 12.90 -4.98
N ASN A 107 8.82 12.28 -6.05
CA ASN A 107 9.38 11.04 -6.59
C ASN A 107 9.95 11.49 -7.92
N ASN A 108 11.13 11.01 -8.27
CA ASN A 108 11.73 11.42 -9.52
C ASN A 108 11.03 10.93 -10.77
N THR A 109 10.06 10.03 -10.59
CA THR A 109 9.26 9.57 -11.73
C THR A 109 8.42 10.76 -12.19
N SER A 110 8.19 11.71 -11.29
CA SER A 110 7.41 12.90 -11.61
C SER A 110 8.26 14.11 -12.01
N LEU A 111 9.48 14.18 -11.52
CA LEU A 111 10.34 15.33 -11.81
C LEU A 111 11.45 15.18 -12.85
N CYS A 112 12.01 13.98 -12.96
CA CYS A 112 13.13 13.76 -13.87
C CYS A 112 12.92 13.01 -15.17
N LEU A 113 12.95 13.73 -16.29
CA LEU A 113 12.81 13.09 -17.59
C LEU A 113 13.98 12.15 -17.83
N ALA A 114 13.71 10.99 -18.41
CA ALA A 114 14.76 10.02 -18.71
C ALA A 114 15.33 10.33 -20.09
N VAL A 115 16.64 10.17 -20.26
CA VAL A 115 17.29 10.40 -21.54
C VAL A 115 17.33 9.09 -22.30
N GLU A 116 16.54 8.99 -23.38
CA GLU A 116 16.46 7.78 -24.19
C GLU A 116 17.82 7.22 -24.60
N GLY A 117 18.04 5.95 -24.33
CA GLY A 117 19.28 5.30 -24.68
C GLY A 117 20.43 5.52 -23.72
N GLN A 118 20.33 6.53 -22.86
CA GLN A 118 21.39 6.80 -21.89
C GLN A 118 20.85 6.60 -20.48
N THR A 119 19.82 5.78 -20.40
CA THR A 119 19.13 5.47 -19.17
C THR A 119 19.89 4.56 -18.19
N ASP A 120 20.90 3.85 -18.67
CA ASP A 120 21.68 2.96 -17.80
C ASP A 120 22.88 3.68 -17.19
N LEU A 121 23.09 4.93 -17.59
CA LEU A 121 24.20 5.71 -17.07
C LEU A 121 23.83 6.35 -15.73
N PRO A 122 24.85 6.69 -14.92
CA PRO A 122 24.65 7.32 -13.61
C PRO A 122 23.87 8.63 -13.72
N CYS A 123 23.10 8.92 -12.67
CA CYS A 123 22.32 10.14 -12.61
C CYS A 123 22.70 10.95 -11.38
N GLU A 124 23.06 12.20 -11.60
CA GLU A 124 23.42 13.07 -10.49
C GLU A 124 22.25 14.01 -10.27
N LEU A 125 21.96 14.30 -9.01
CA LEU A 125 20.84 15.18 -8.69
C LEU A 125 21.31 16.26 -7.72
N HIS A 126 21.15 17.51 -8.13
CA HIS A 126 21.56 18.63 -7.31
C HIS A 126 20.29 19.31 -6.79
N LEU A 127 20.01 19.15 -5.50
CA LEU A 127 18.83 19.76 -4.88
C LEU A 127 19.19 21.10 -4.27
N HIS A 128 18.66 22.18 -4.86
CA HIS A 128 18.92 23.53 -4.39
C HIS A 128 17.84 23.95 -3.39
N ALA A 129 18.25 24.69 -2.36
CA ALA A 129 17.32 25.16 -1.34
C ALA A 129 16.29 26.10 -1.96
N PRO A 130 15.05 26.05 -1.47
CA PRO A 130 14.07 26.96 -2.04
C PRO A 130 14.32 28.35 -1.45
N PRO A 131 14.47 29.37 -2.31
CA PRO A 131 14.72 30.73 -1.83
C PRO A 131 13.74 31.16 -0.74
N GLU A 132 12.51 30.69 -0.83
CA GLU A 132 11.48 31.05 0.13
C GLU A 132 11.50 30.24 1.41
N ALA A 133 12.36 29.22 1.47
CA ALA A 133 12.46 28.36 2.65
C ALA A 133 13.83 27.74 2.78
N PRO A 134 14.88 28.56 2.87
CA PRO A 134 16.24 28.04 3.00
C PRO A 134 16.55 27.22 4.24
N LEU A 135 15.82 27.44 5.34
CA LEU A 135 16.09 26.68 6.56
C LEU A 135 15.53 25.25 6.57
N TRP A 136 14.78 24.89 5.54
CA TRP A 136 14.21 23.54 5.44
C TRP A 136 15.26 22.45 5.46
N LYS A 137 14.87 21.28 5.95
CA LYS A 137 15.77 20.13 5.99
C LYS A 137 15.45 19.18 4.85
N VAL A 138 16.37 18.27 4.59
CA VAL A 138 16.24 17.30 3.52
C VAL A 138 16.42 15.89 4.04
N ALA A 139 15.64 14.95 3.51
CA ALA A 139 15.73 13.56 3.91
C ALA A 139 15.48 12.69 2.68
N THR A 140 16.32 11.68 2.51
CA THR A 140 16.21 10.77 1.38
C THR A 140 17.23 9.65 1.53
N GLY A 141 17.04 8.58 0.79
CA GLY A 141 17.97 7.47 0.86
C GLY A 141 18.95 7.52 -0.30
N MSE A 142 18.78 8.49 -1.19
CA MSE A 142 19.69 8.59 -2.34
C MSE A 142 21.10 8.93 -1.83
O MSE A 142 21.28 9.85 -1.06
CB MSE A 142 19.23 9.68 -3.30
CG MSE A 142 19.87 9.57 -4.68
SE MSE A 142 19.18 10.89 -5.93
CE MSE A 142 17.44 10.11 -6.27
N PRO A 143 22.12 8.16 -2.27
CA PRO A 143 23.51 8.38 -1.87
C PRO A 143 23.91 9.84 -1.98
N ARG A 144 24.41 10.40 -0.88
CA ARG A 144 24.81 11.79 -0.88
C ARG A 144 26.28 11.99 -1.29
N LYS A 145 26.50 12.95 -2.17
CA LYS A 145 27.85 13.27 -2.65
C LYS A 145 28.39 14.54 -1.98
N SER A 146 27.52 15.48 -1.63
CA SER A 146 27.95 16.71 -0.97
C SER A 146 26.87 17.36 -0.13
N GLY A 147 27.25 18.30 0.72
CA GLY A 147 26.29 19.00 1.58
C GLY A 147 26.16 18.41 2.96
N GLN A 148 25.63 19.20 3.90
CA GLN A 148 25.43 18.72 5.27
C GLN A 148 24.39 17.59 5.16
N PRO A 149 24.55 16.52 5.96
CA PRO A 149 23.69 15.31 6.02
C PRO A 149 22.17 15.37 5.88
N HIS A 150 21.55 16.43 6.39
CA HIS A 150 20.10 16.60 6.29
C HIS A 150 19.79 17.94 5.64
N SER A 151 20.68 18.37 4.77
CA SER A 151 20.49 19.65 4.12
C SER A 151 20.66 19.54 2.61
N TRP A 152 20.78 20.68 1.96
CA TRP A 152 20.94 20.74 0.51
C TRP A 152 22.24 20.11 0.03
N GLY A 153 22.29 19.75 -1.25
CA GLY A 153 23.49 19.14 -1.79
C GLY A 153 23.34 18.33 -3.07
N CYS A 154 24.35 17.51 -3.35
CA CYS A 154 24.37 16.69 -4.56
C CYS A 154 24.27 15.21 -4.23
N PHE A 155 23.50 14.50 -5.04
CA PHE A 155 23.29 13.07 -4.84
C PHE A 155 23.58 12.32 -6.13
N ARG A 156 23.92 11.04 -6.00
CA ARG A 156 24.22 10.21 -7.17
C ARG A 156 23.52 8.86 -7.13
N ALA A 157 22.96 8.47 -8.27
CA ALA A 157 22.29 7.18 -8.42
C ALA A 157 23.03 6.43 -9.53
N ASP A 158 23.13 5.11 -9.41
CA ASP A 158 23.84 4.34 -10.43
C ASP A 158 23.20 4.40 -11.81
N ASN A 159 21.90 4.66 -11.87
CA ASN A 159 21.19 4.73 -13.16
C ASN A 159 19.78 5.30 -12.97
N TYR A 160 19.09 5.56 -14.07
CA TYR A 160 17.76 6.12 -13.99
C TYR A 160 16.82 5.31 -13.10
N ASP A 161 16.91 3.98 -13.20
CA ASP A 161 16.07 3.10 -12.40
C ASP A 161 16.25 3.35 -10.91
N ALA A 162 17.50 3.59 -10.52
CA ALA A 162 17.80 3.84 -9.12
C ALA A 162 17.32 5.24 -8.76
N LEU A 163 17.55 6.19 -9.67
CA LEU A 163 17.14 7.57 -9.44
C LEU A 163 15.67 7.70 -9.05
N ILE A 164 14.80 7.02 -9.79
CA ILE A 164 13.38 7.10 -9.51
C ILE A 164 12.91 6.22 -8.36
N ASP A 165 13.86 5.68 -7.61
CA ASP A 165 13.50 4.85 -6.47
C ASP A 165 13.95 5.49 -5.16
N TYR A 166 14.27 6.77 -5.21
CA TYR A 166 14.67 7.50 -4.01
C TYR A 166 13.77 8.71 -3.85
N PRO A 167 12.70 8.60 -3.04
CA PRO A 167 11.85 9.78 -2.89
C PRO A 167 12.53 10.81 -1.99
N PHE A 168 12.09 12.05 -2.06
CA PHE A 168 12.66 13.14 -1.26
C PHE A 168 11.57 13.81 -0.43
N LEU A 169 11.91 14.18 0.81
CA LEU A 169 11.00 14.87 1.70
C LEU A 169 11.75 16.08 2.27
N ILE A 170 11.16 17.26 2.13
CA ILE A 170 11.80 18.47 2.63
C ILE A 170 10.84 19.29 3.49
N GLY A 171 11.38 20.07 4.42
CA GLY A 171 10.54 20.88 5.28
C GLY A 171 11.10 21.00 6.68
N ASP A 172 10.25 21.35 7.63
CA ASP A 172 10.66 21.49 9.02
C ASP A 172 10.57 20.08 9.60
N LEU A 173 11.54 19.25 9.24
CA LEU A 173 11.57 17.85 9.62
C LEU A 173 12.01 17.44 11.02
N THR A 174 11.32 16.45 11.56
CA THR A 174 11.67 15.89 12.86
C THR A 174 12.41 14.63 12.45
N ILE A 175 13.64 14.46 12.93
CA ILE A 175 14.43 13.29 12.57
C ILE A 175 14.98 12.58 13.80
N GLU A 176 14.63 11.30 13.94
CA GLU A 176 15.08 10.49 15.06
C GLU A 176 15.78 9.24 14.51
N GLU A 177 17.07 9.14 14.78
CA GLU A 177 17.86 8.02 14.32
C GLU A 177 17.87 6.85 15.31
N PHE A 178 18.08 5.65 14.79
CA PHE A 178 18.15 4.46 15.63
C PHE A 178 18.90 3.36 14.89
N ILE A 179 19.27 2.28 15.59
CA ILE A 179 19.99 1.22 14.91
C ILE A 179 19.37 -0.16 15.12
N ALA A 180 19.43 -0.96 14.07
CA ALA A 180 18.91 -2.32 14.11
C ALA A 180 20.03 -3.16 13.50
N HIS A 181 20.56 -4.09 14.31
CA HIS A 181 21.65 -4.95 13.87
C HIS A 181 22.78 -4.18 13.20
N GLY A 182 23.27 -3.16 13.89
CA GLY A 182 24.37 -2.36 13.39
C GLY A 182 24.08 -1.50 12.17
N ILE A 183 22.83 -1.46 11.73
CA ILE A 183 22.49 -0.65 10.57
C ILE A 183 21.77 0.63 11.00
N LYS A 184 22.13 1.75 10.39
CA LYS A 184 21.49 3.03 10.74
C LYS A 184 20.11 3.18 10.10
N HIS A 185 19.16 3.60 10.91
CA HIS A 185 17.78 3.82 10.49
C HIS A 185 17.34 5.22 10.89
N SER A 186 16.33 5.74 10.20
CA SER A 186 15.81 7.07 10.49
C SER A 186 14.30 7.11 10.36
N LEU A 187 13.67 7.83 11.29
CA LEU A 187 12.24 8.05 11.24
C LEU A 187 12.19 9.55 10.99
N VAL A 188 11.56 9.93 9.87
CA VAL A 188 11.46 11.34 9.53
C VAL A 188 10.00 11.76 9.43
N LEU A 189 9.67 12.87 10.07
CA LEU A 189 8.30 13.36 10.09
C LEU A 189 8.17 14.79 9.59
N SER A 190 7.14 15.03 8.78
CA SER A 190 6.84 16.36 8.26
C SER A 190 5.33 16.58 8.46
N GLY A 191 4.97 17.68 9.10
CA GLY A 191 3.57 17.97 9.35
C GLY A 191 3.38 18.21 10.84
N ARG A 192 2.20 18.66 11.26
CA ARG A 192 1.96 18.89 12.68
C ARG A 192 1.73 17.55 13.36
N HIS A 193 2.43 17.30 14.47
CA HIS A 193 2.30 16.03 15.18
C HIS A 193 2.82 16.15 16.61
N TYR A 194 2.55 15.15 17.44
CA TYR A 194 3.00 15.15 18.83
C TYR A 194 3.67 13.82 19.14
N ALA A 195 4.34 13.26 18.16
CA ALA A 195 4.99 11.97 18.30
C ALA A 195 6.11 11.84 19.33
N ASP A 196 6.03 10.75 20.08
CA ASP A 196 7.05 10.41 21.06
C ASP A 196 8.03 9.59 20.19
N THR A 197 8.94 10.28 19.52
CA THR A 197 9.89 9.61 18.62
C THR A 197 10.78 8.55 19.26
N SER A 198 11.14 8.73 20.54
CA SER A 198 11.98 7.74 21.19
C SER A 198 11.23 6.43 21.27
N ARG A 199 9.97 6.50 21.70
CA ARG A 199 9.16 5.29 21.84
C ARG A 199 8.86 4.63 20.50
N ILE A 200 8.44 5.41 19.51
CA ILE A 200 8.11 4.86 18.18
C ILE A 200 9.36 4.26 17.56
N THR A 201 10.47 4.97 17.70
CA THR A 201 11.75 4.53 17.17
C THR A 201 12.20 3.24 17.84
N ALA A 202 11.96 3.15 19.15
CA ALA A 202 12.33 1.95 19.90
C ALA A 202 11.53 0.76 19.36
N ASP A 203 10.24 0.98 19.08
CA ASP A 203 9.43 -0.11 18.54
C ASP A 203 9.86 -0.47 17.11
N LEU A 204 10.20 0.52 16.30
CA LEU A 204 10.63 0.25 14.94
C LEU A 204 11.93 -0.57 14.96
N ALA A 205 12.80 -0.27 15.92
CA ALA A 205 14.06 -1.00 16.05
C ALA A 205 13.74 -2.49 16.26
N LYS A 206 12.74 -2.77 17.11
CA LYS A 206 12.36 -4.15 17.36
C LYS A 206 11.82 -4.80 16.10
N ILE A 207 10.86 -4.15 15.45
CA ILE A 207 10.29 -4.69 14.23
C ILE A 207 11.39 -4.94 13.20
N CYS A 208 12.24 -3.94 12.98
CA CYS A 208 13.32 -4.04 12.00
C CYS A 208 14.33 -5.14 12.30
N GLU A 209 14.75 -5.27 13.56
CA GLU A 209 15.70 -6.32 13.91
C GLU A 209 15.06 -7.68 13.63
N THR A 210 13.78 -7.81 13.96
CA THR A 210 13.09 -9.08 13.71
C THR A 210 13.16 -9.42 12.23
N GLN A 211 12.99 -8.43 11.37
CA GLN A 211 13.02 -8.70 9.94
C GLN A 211 14.42 -9.04 9.43
N ILE A 212 15.42 -8.28 9.85
CA ILE A 212 16.79 -8.54 9.43
C ILE A 212 17.21 -9.94 9.92
N SER A 213 16.81 -10.30 11.13
CA SER A 213 17.13 -11.63 11.66
C SER A 213 16.44 -12.67 10.80
N LEU A 214 15.22 -12.38 10.37
CA LEU A 214 14.46 -13.31 9.55
C LEU A 214 15.17 -13.67 8.24
N PHE A 215 15.62 -12.66 7.51
CA PHE A 215 16.31 -12.89 6.26
C PHE A 215 17.80 -13.14 6.51
N GLU A 216 18.24 -12.84 7.73
CA GLU A 216 19.62 -13.02 8.13
C GLU A 216 20.55 -12.12 7.32
N GLU A 217 19.97 -11.15 6.62
CA GLU A 217 20.73 -10.25 5.78
C GLU A 217 19.87 -9.07 5.34
N ALA A 218 20.47 -7.89 5.20
CA ALA A 218 19.74 -6.71 4.76
C ALA A 218 20.27 -6.27 3.40
N PRO A 219 19.37 -5.97 2.45
CA PRO A 219 19.80 -5.54 1.11
C PRO A 219 20.21 -4.07 1.01
N PHE A 220 20.13 -3.34 2.12
CA PHE A 220 20.49 -1.92 2.14
C PHE A 220 21.55 -1.65 3.21
N GLN A 221 22.17 -0.48 3.16
CA GLN A 221 23.18 -0.14 4.16
C GLN A 221 22.65 0.83 5.21
N SER A 222 21.48 1.40 4.94
CA SER A 222 20.82 2.33 5.85
C SER A 222 19.39 2.41 5.37
N TYR A 223 18.47 2.83 6.24
CA TYR A 223 17.08 2.91 5.83
C TYR A 223 16.34 4.08 6.46
N THR A 224 15.48 4.73 5.68
CA THR A 224 14.74 5.89 6.16
C THR A 224 13.23 5.80 5.96
N PHE A 225 12.49 6.08 7.02
CA PHE A 225 11.03 6.06 6.96
C PHE A 225 10.59 7.52 6.77
N LEU A 226 10.31 7.90 5.52
CA LEU A 226 9.88 9.27 5.21
C LEU A 226 8.39 9.37 5.48
N THR A 227 8.02 10.17 6.47
CA THR A 227 6.63 10.26 6.86
C THR A 227 5.95 11.62 6.81
N MSE A 228 4.87 11.70 6.04
CA MSE A 228 4.07 12.91 5.96
C MSE A 228 2.90 12.67 6.92
O MSE A 228 2.20 11.64 6.83
CB MSE A 228 3.57 13.14 4.54
CG MSE A 228 4.60 13.76 3.64
SE MSE A 228 4.00 13.89 1.82
CE MSE A 228 4.12 12.02 1.36
N VAL A 229 2.70 13.59 7.84
CA VAL A 229 1.63 13.46 8.82
C VAL A 229 0.52 14.46 8.60
N VAL A 230 -0.69 13.96 8.32
CA VAL A 230 -1.83 14.82 8.09
C VAL A 230 -2.95 14.47 9.08
N GLY A 231 -4.12 15.07 8.89
CA GLY A 231 -5.21 14.79 9.80
C GLY A 231 -5.84 13.43 9.54
N ASN A 232 -6.07 13.14 8.27
CA ASN A 232 -6.67 11.89 7.88
C ASN A 232 -6.09 11.42 6.55
N GLY A 233 -5.18 10.46 6.62
CA GLY A 233 -4.57 9.95 5.42
C GLY A 233 -3.83 8.66 5.68
N PHE A 234 -3.79 7.79 4.68
CA PHE A 234 -3.11 6.51 4.82
C PHE A 234 -2.47 6.14 3.50
N GLY A 235 -1.31 5.50 3.57
CA GLY A 235 -0.63 5.12 2.36
C GLY A 235 0.88 5.04 2.52
N GLY A 236 1.50 4.20 1.70
CA GLY A 236 2.93 4.03 1.74
C GLY A 236 3.43 3.42 0.44
N LEU A 237 4.68 3.71 0.09
CA LEU A 237 5.28 3.17 -1.11
C LEU A 237 6.70 2.71 -0.75
N GLU A 238 6.98 1.44 -1.00
CA GLU A 238 8.27 0.86 -0.70
C GLU A 238 9.36 1.28 -1.67
N HIS A 239 10.60 1.26 -1.17
CA HIS A 239 11.77 1.60 -1.96
C HIS A 239 12.96 0.78 -1.42
N ARG A 240 14.01 0.66 -2.23
CA ARG A 240 15.17 -0.13 -1.83
C ARG A 240 15.80 0.19 -0.49
N ASN A 241 15.86 1.46 -0.09
CA ASN A 241 16.45 1.77 1.20
C ASN A 241 15.68 2.86 1.95
N SER A 242 14.41 3.00 1.58
CA SER A 242 13.52 3.97 2.20
C SER A 242 12.08 3.68 1.83
N THR A 243 11.17 4.44 2.43
CA THR A 243 9.75 4.31 2.12
C THR A 243 9.11 5.66 2.37
N ALA A 244 8.08 5.96 1.58
CA ALA A 244 7.34 7.21 1.73
C ALA A 244 5.97 6.83 2.31
N LEU A 245 5.66 7.41 3.47
CA LEU A 245 4.40 7.13 4.15
C LEU A 245 3.55 8.37 4.36
N LEU A 246 2.24 8.17 4.31
CA LEU A 246 1.30 9.25 4.58
C LEU A 246 0.43 8.65 5.68
N CYS A 247 0.46 9.25 6.86
CA CYS A 247 -0.33 8.73 7.96
C CYS A 247 -1.11 9.79 8.71
N SER A 248 -2.08 9.33 9.51
CA SER A 248 -2.90 10.23 10.29
C SER A 248 -2.19 10.59 11.59
N ARG A 249 -2.35 11.84 12.00
CA ARG A 249 -1.70 12.34 13.20
C ARG A 249 -2.06 11.54 14.45
N LYS A 250 -3.23 10.90 14.43
CA LYS A 250 -3.65 10.11 15.58
C LYS A 250 -2.93 8.76 15.65
N ASP A 251 -2.24 8.39 14.58
CA ASP A 251 -1.52 7.12 14.55
C ASP A 251 -0.13 7.21 15.19
N LEU A 252 0.33 8.43 15.41
CA LEU A 252 1.65 8.63 16.01
C LEU A 252 1.49 8.88 17.49
N ILE A 253 1.63 7.81 18.26
CA ILE A 253 1.48 7.85 19.70
C ILE A 253 2.32 8.92 20.41
N SER A 254 1.70 9.61 21.38
CA SER A 254 2.35 10.67 22.12
C SER A 254 3.02 10.18 23.40
N ALA A 255 3.77 11.07 24.04
CA ALA A 255 4.47 10.75 25.27
C ALA A 255 3.54 10.50 26.44
N HIS A 256 2.27 10.89 26.30
CA HIS A 256 1.29 10.70 27.36
C HIS A 256 0.37 9.51 27.14
N GLN A 257 0.68 8.71 26.11
CA GLN A 257 -0.10 7.53 25.78
C GLN A 257 0.79 6.30 26.03
N TYR A 258 0.59 5.65 27.17
CA TYR A 258 1.39 4.49 27.53
C TYR A 258 1.03 3.23 26.73
N GLU A 259 -0.22 2.83 26.81
CA GLU A 259 -0.69 1.63 26.13
C GLU A 259 -0.80 1.72 24.61
N MSE A 260 -0.77 0.55 23.99
CA MSE A 260 -0.92 0.39 22.56
C MSE A 260 -2.39 0.64 22.22
O MSE A 260 -3.26 0.34 23.03
CB MSE A 260 -0.55 -1.05 22.19
CG MSE A 260 -0.93 -1.47 20.77
SE MSE A 260 0.17 -0.62 19.42
CE MSE A 260 1.89 -0.92 20.25
N ASN A 261 -2.65 1.20 21.04
CA ASN A 261 -4.02 1.43 20.60
C ASN A 261 -4.10 1.04 19.13
N ASP A 262 -5.32 0.92 18.60
CA ASP A 262 -5.52 0.51 17.22
C ASP A 262 -4.88 1.42 16.18
N ASN A 263 -4.88 2.72 16.43
CA ASN A 263 -4.30 3.66 15.47
C ASN A 263 -2.79 3.56 15.37
N TYR A 264 -2.11 3.52 16.51
CA TYR A 264 -0.66 3.40 16.50
C TYR A 264 -0.28 2.06 15.90
N GLN A 265 -1.09 1.05 16.18
CA GLN A 265 -0.86 -0.29 15.63
C GLN A 265 -0.91 -0.27 14.10
N THR A 266 -1.85 0.49 13.56
CA THR A 266 -1.99 0.61 12.11
C THR A 266 -0.72 1.21 11.52
N PHE A 267 -0.12 2.18 12.21
CA PHE A 267 1.10 2.80 11.75
C PHE A 267 2.26 1.81 11.77
N LEU A 268 2.40 1.11 12.89
CA LEU A 268 3.47 0.13 13.01
C LEU A 268 3.31 -0.96 11.96
N SER A 269 2.07 -1.31 11.67
CA SER A 269 1.80 -2.33 10.67
C SER A 269 2.20 -1.81 9.29
N LEU A 270 1.95 -0.53 9.03
CA LEU A 270 2.30 0.09 7.76
C LEU A 270 3.82 0.10 7.56
N CYS A 271 4.55 0.51 8.60
CA CYS A 271 6.02 0.56 8.52
C CYS A 271 6.58 -0.83 8.31
N CYS A 272 6.05 -1.79 9.06
CA CYS A 272 6.48 -3.17 8.97
C CYS A 272 6.25 -3.69 7.55
N HIS A 273 5.15 -3.25 6.94
CA HIS A 273 4.77 -3.65 5.60
C HIS A 273 5.77 -3.12 4.54
N GLU A 274 6.07 -1.83 4.60
CA GLU A 274 6.98 -1.25 3.63
C GLU A 274 8.40 -1.79 3.79
N TYR A 275 8.83 -1.95 5.04
CA TYR A 275 10.16 -2.47 5.36
C TYR A 275 10.33 -3.86 4.77
N PHE A 276 9.34 -4.73 4.99
CA PHE A 276 9.37 -6.10 4.49
C PHE A 276 9.53 -6.07 2.97
N HIS A 277 8.89 -5.11 2.34
CA HIS A 277 8.95 -4.94 0.88
C HIS A 277 10.40 -4.75 0.41
N SER A 278 11.28 -4.30 1.32
CA SER A 278 12.69 -4.10 0.95
C SER A 278 13.23 -5.40 0.38
N TRP A 279 12.80 -6.52 0.98
CA TRP A 279 13.23 -7.81 0.49
C TRP A 279 12.22 -8.30 -0.52
N ASN A 280 10.96 -8.24 -0.14
CA ASN A 280 9.90 -8.71 -1.00
C ASN A 280 9.34 -7.63 -1.91
N ILE A 281 9.78 -7.65 -3.17
CA ILE A 281 9.44 -6.72 -4.24
C ILE A 281 10.49 -5.72 -4.67
N LYS A 282 11.39 -5.38 -3.77
CA LYS A 282 12.43 -4.44 -4.15
C LYS A 282 13.64 -5.21 -4.66
N THR A 283 13.95 -6.35 -4.04
CA THR A 283 15.09 -7.16 -4.46
C THR A 283 14.58 -8.47 -5.04
N LEU A 284 13.75 -9.18 -4.26
CA LEU A 284 13.13 -10.41 -4.73
C LEU A 284 11.92 -9.85 -5.47
N LYS A 285 11.79 -10.16 -6.77
CA LYS A 285 10.67 -9.63 -7.54
C LYS A 285 10.43 -10.46 -8.78
N PRO A 286 9.27 -10.27 -9.46
CA PRO A 286 9.00 -11.06 -10.67
C PRO A 286 9.89 -10.60 -11.82
N LYS A 287 10.18 -11.53 -12.74
CA LYS A 287 11.04 -11.23 -13.88
C LYS A 287 10.45 -10.13 -14.76
N ALA A 288 9.13 -10.01 -14.75
CA ALA A 288 8.46 -8.99 -15.55
C ALA A 288 8.88 -7.60 -15.11
N PHE A 289 9.46 -7.50 -13.91
CA PHE A 289 9.91 -6.22 -13.36
C PHE A 289 11.45 -6.08 -13.47
N LEU A 290 12.07 -6.96 -14.26
CA LEU A 290 13.52 -6.95 -14.45
C LEU A 290 13.90 -6.87 -15.93
N PRO A 291 13.99 -5.65 -16.49
CA PRO A 291 13.76 -4.37 -15.81
C PRO A 291 12.30 -3.91 -15.90
N TYR A 292 12.01 -2.75 -15.33
CA TYR A 292 10.66 -2.18 -15.36
C TYR A 292 10.44 -1.50 -16.72
N GLN A 293 9.23 -1.63 -17.25
CA GLN A 293 8.87 -0.95 -18.49
C GLN A 293 7.81 0.03 -17.98
N LEU A 294 8.16 1.31 -17.95
CA LEU A 294 7.28 2.34 -17.40
C LEU A 294 6.48 3.22 -18.35
N GLU A 295 6.25 2.73 -19.56
CA GLU A 295 5.50 3.49 -20.54
C GLU A 295 4.07 2.96 -20.60
N LYS A 296 3.88 1.72 -20.19
CA LYS A 296 2.59 1.07 -20.32
C LYS A 296 2.34 0.06 -19.18
N GLU A 297 1.15 -0.54 -19.18
CA GLU A 297 0.82 -1.55 -18.17
C GLU A 297 1.81 -2.72 -18.27
N SER A 298 2.23 -3.24 -17.13
CA SER A 298 3.15 -4.38 -17.08
C SER A 298 2.43 -5.44 -16.26
N TYR A 299 1.92 -6.44 -16.96
CA TYR A 299 1.14 -7.49 -16.34
C TYR A 299 1.89 -8.62 -15.64
N THR A 300 1.40 -8.99 -14.46
CA THR A 300 1.97 -10.08 -13.69
C THR A 300 0.92 -10.57 -12.68
N GLU A 301 0.78 -11.88 -12.56
CA GLU A 301 -0.18 -12.47 -11.65
C GLU A 301 0.44 -12.76 -10.30
N GLN A 302 1.69 -12.33 -10.11
CA GLN A 302 2.40 -12.62 -8.86
C GLN A 302 2.16 -11.71 -7.65
N LEU A 303 1.30 -10.72 -7.76
CA LEU A 303 1.04 -9.84 -6.62
C LEU A 303 0.42 -10.58 -5.44
N TRP A 304 -0.10 -11.79 -5.67
CA TRP A 304 -0.69 -12.56 -4.57
C TRP A 304 0.43 -12.91 -3.60
N PHE A 305 1.64 -12.99 -4.15
CA PHE A 305 2.81 -13.31 -3.35
C PHE A 305 3.49 -12.05 -2.85
N TYR A 306 3.80 -11.14 -3.78
CA TYR A 306 4.48 -9.91 -3.41
C TYR A 306 3.67 -8.98 -2.52
N GLU A 307 2.35 -9.03 -2.63
CA GLU A 307 1.51 -8.21 -1.77
C GLU A 307 0.90 -9.09 -0.69
N GLY A 308 0.50 -10.31 -1.07
CA GLY A 308 -0.10 -11.24 -0.13
C GLY A 308 0.76 -11.61 1.07
N MSE A 309 1.97 -12.13 0.82
CA MSE A 309 2.87 -12.52 1.89
C MSE A 309 3.13 -11.33 2.82
O MSE A 309 3.10 -11.45 4.05
CB MSE A 309 4.22 -13.01 1.34
CG MSE A 309 4.14 -14.16 0.33
SE MSE A 309 3.29 -15.81 0.98
CE MSE A 309 1.68 -15.73 -0.07
N THR A 310 3.38 -10.17 2.20
CA THR A 310 3.65 -8.95 2.95
C THR A 310 2.44 -8.56 3.80
N SER A 311 1.24 -8.80 3.27
CA SER A 311 0.02 -8.47 4.01
C SER A 311 -0.24 -9.42 5.16
N TYR A 312 0.49 -10.53 5.20
CA TYR A 312 0.34 -11.48 6.30
C TYR A 312 1.40 -11.15 7.35
N PHE A 313 2.61 -10.87 6.88
CA PHE A 313 3.69 -10.57 7.81
C PHE A 313 3.65 -9.20 8.48
N ASP A 314 3.11 -8.18 7.80
CA ASP A 314 3.07 -6.86 8.45
C ASP A 314 2.41 -6.91 9.82
N ASP A 315 1.37 -7.72 9.97
CA ASP A 315 0.69 -7.85 11.26
C ASP A 315 1.33 -8.95 12.12
N TYR A 316 1.58 -10.10 11.51
CA TYR A 316 2.17 -11.23 12.23
C TYR A 316 3.51 -10.88 12.91
N LEU A 317 4.41 -10.25 12.16
CA LEU A 317 5.72 -9.88 12.72
C LEU A 317 5.58 -8.89 13.87
N LEU A 318 4.44 -8.20 13.93
CA LEU A 318 4.18 -7.24 14.99
C LEU A 318 3.96 -8.00 16.30
N HIS A 319 3.39 -9.20 16.20
CA HIS A 319 3.15 -10.03 17.38
C HIS A 319 4.42 -10.80 17.69
N THR A 320 5.08 -11.27 16.64
CA THR A 320 6.32 -12.04 16.76
C THR A 320 7.46 -11.25 17.39
N SER A 321 7.44 -9.93 17.19
CA SER A 321 8.47 -9.08 17.77
C SER A 321 8.04 -8.62 19.15
N GLY A 322 6.84 -9.03 19.55
CA GLY A 322 6.34 -8.66 20.85
C GLY A 322 5.73 -7.27 20.98
N ILE A 323 5.29 -6.67 19.89
CA ILE A 323 4.69 -5.34 19.95
C ILE A 323 3.22 -5.49 20.36
N ILE A 324 2.55 -6.48 19.77
CA ILE A 324 1.15 -6.75 20.07
C ILE A 324 0.95 -8.20 20.52
N ASP A 325 0.01 -8.43 21.42
CA ASP A 325 -0.26 -9.78 21.91
C ASP A 325 -1.08 -10.59 20.90
N GLU A 326 -1.38 -11.83 21.23
CA GLU A 326 -2.14 -12.68 20.32
C GLU A 326 -3.60 -12.26 20.17
N LYS A 327 -4.13 -11.53 21.15
CA LYS A 327 -5.51 -11.08 21.08
C LYS A 327 -5.64 -10.03 19.97
N ARG A 328 -4.77 -9.03 20.00
CA ARG A 328 -4.76 -7.99 18.97
C ARG A 328 -4.49 -8.61 17.61
N TYR A 329 -3.53 -9.51 17.55
CA TYR A 329 -3.20 -10.14 16.29
C TYR A 329 -4.37 -10.91 15.68
N LEU A 330 -5.03 -11.72 16.50
CA LEU A 330 -6.16 -12.51 16.00
C LEU A 330 -7.35 -11.67 15.57
N LYS A 331 -7.48 -10.48 16.15
CA LYS A 331 -8.56 -9.60 15.76
C LYS A 331 -8.25 -9.15 14.33
N LEU A 332 -6.98 -8.80 14.10
CA LEU A 332 -6.54 -8.38 12.78
C LEU A 332 -6.72 -9.51 11.77
N LEU A 333 -6.48 -10.74 12.22
CA LEU A 333 -6.63 -11.91 11.35
C LEU A 333 -8.10 -12.11 10.99
N GLY A 334 -8.95 -12.00 12.00
CA GLY A 334 -10.38 -12.15 11.75
C GLY A 334 -10.88 -11.07 10.83
N ASP A 335 -10.32 -9.87 10.94
CA ASP A 335 -10.73 -8.76 10.08
C ASP A 335 -10.49 -9.16 8.64
N THR A 336 -9.26 -9.60 8.36
CA THR A 336 -8.87 -10.02 7.02
C THR A 336 -9.76 -11.15 6.55
N LEU A 337 -9.98 -12.14 7.41
CA LEU A 337 -10.80 -13.28 7.07
C LEU A 337 -12.21 -12.82 6.70
N SER A 338 -12.78 -11.96 7.54
CA SER A 338 -14.12 -11.44 7.32
C SER A 338 -14.26 -10.66 6.01
N ARG A 339 -13.25 -9.88 5.66
CA ARG A 339 -13.31 -9.10 4.43
C ARG A 339 -13.30 -9.98 3.18
N VAL A 340 -12.47 -11.00 3.16
CA VAL A 340 -12.40 -11.88 2.00
C VAL A 340 -13.71 -12.62 1.80
N GLU A 341 -14.27 -13.13 2.91
CA GLU A 341 -15.51 -13.90 2.88
C GLU A 341 -16.80 -13.10 2.73
N ARG A 342 -16.72 -11.78 2.90
CA ARG A 342 -17.90 -10.93 2.81
C ARG A 342 -18.64 -10.86 1.48
N GLY A 343 -17.92 -10.68 0.39
CA GLY A 343 -18.58 -10.55 -0.90
C GLY A 343 -18.48 -11.68 -1.91
N ALA A 344 -19.34 -11.60 -2.93
CA ALA A 344 -19.40 -12.59 -3.99
C ALA A 344 -18.23 -12.50 -4.96
N GLY A 345 -17.44 -11.43 -4.87
CA GLY A 345 -16.31 -11.24 -5.77
C GLY A 345 -15.31 -12.41 -5.77
N GLN A 346 -15.15 -13.05 -4.62
CA GLN A 346 -14.23 -14.17 -4.50
C GLN A 346 -14.60 -15.33 -5.44
N TYR A 347 -15.86 -15.37 -5.85
CA TYR A 347 -16.32 -16.44 -6.74
C TYR A 347 -16.37 -15.96 -8.18
N GLN A 348 -15.97 -14.71 -8.40
CA GLN A 348 -15.97 -14.10 -9.73
C GLN A 348 -14.56 -13.92 -10.30
N GLN A 349 -13.58 -13.88 -9.42
CA GLN A 349 -12.20 -13.64 -9.84
C GLN A 349 -11.19 -14.41 -9.00
N SER A 350 -10.22 -15.04 -9.66
CA SER A 350 -9.19 -15.77 -8.93
C SER A 350 -8.17 -14.74 -8.47
N VAL A 351 -7.38 -15.09 -7.46
CA VAL A 351 -6.38 -14.17 -6.91
C VAL A 351 -5.32 -13.79 -7.94
N THR A 352 -4.92 -14.74 -8.79
CA THR A 352 -3.91 -14.46 -9.80
C THR A 352 -4.49 -13.56 -10.88
N GLU A 353 -5.77 -13.76 -11.19
CA GLU A 353 -6.46 -12.95 -12.18
C GLU A 353 -6.53 -11.51 -11.68
N SER A 354 -6.78 -11.35 -10.38
CA SER A 354 -6.87 -10.02 -9.77
C SER A 354 -5.53 -9.28 -9.85
N SER A 355 -4.44 -10.01 -9.62
CA SER A 355 -3.10 -9.43 -9.69
C SER A 355 -2.84 -8.96 -11.12
N PHE A 356 -3.15 -9.84 -12.06
CA PHE A 356 -2.97 -9.58 -13.48
C PHE A 356 -3.67 -8.31 -13.93
N LEU A 357 -4.91 -8.12 -13.47
CA LEU A 357 -5.70 -6.95 -13.84
C LEU A 357 -5.67 -5.85 -12.77
N ALA A 358 -4.56 -5.75 -12.04
CA ALA A 358 -4.47 -4.73 -11.00
C ALA A 358 -4.70 -3.34 -11.61
N TRP A 359 -4.15 -3.13 -12.80
CA TRP A 359 -4.24 -1.87 -13.53
C TRP A 359 -5.65 -1.34 -13.77
N THR A 360 -6.62 -2.24 -13.85
CA THR A 360 -8.00 -1.85 -14.11
C THR A 360 -8.96 -2.32 -13.02
N LYS A 361 -9.14 -3.63 -12.93
CA LYS A 361 -10.05 -4.21 -11.94
C LYS A 361 -9.80 -3.78 -10.51
N PHE A 362 -8.55 -3.74 -10.08
CA PHE A 362 -8.25 -3.36 -8.71
C PHE A 362 -8.04 -1.88 -8.48
N TYR A 363 -7.07 -1.27 -9.17
CA TYR A 363 -6.80 0.15 -8.98
C TYR A 363 -7.87 1.11 -9.51
N GLN A 364 -8.76 0.61 -10.35
CA GLN A 364 -9.84 1.44 -10.88
C GLN A 364 -11.16 0.84 -10.41
N GLN A 365 -11.11 0.10 -9.31
CA GLN A 365 -12.30 -0.52 -8.75
C GLN A 365 -13.28 0.54 -8.27
N ASN A 366 -14.55 0.16 -8.15
CA ASN A 366 -15.58 1.06 -7.68
C ASN A 366 -16.48 0.39 -6.64
N GLU A 367 -17.70 0.89 -6.52
CA GLU A 367 -18.66 0.38 -5.55
C GLU A 367 -19.03 -1.09 -5.73
N ASN A 368 -18.88 -1.60 -6.94
CA ASN A 368 -19.24 -3.00 -7.21
C ASN A 368 -18.10 -3.97 -6.94
N ALA A 369 -17.02 -3.46 -6.36
CA ALA A 369 -15.84 -4.28 -6.06
C ALA A 369 -16.13 -5.56 -5.26
N PRO A 370 -16.84 -5.44 -4.13
CA PRO A 370 -17.15 -6.62 -3.32
C PRO A 370 -17.94 -7.70 -4.05
N ASN A 371 -18.60 -7.34 -5.14
CA ASN A 371 -19.41 -8.29 -5.91
C ASN A 371 -18.69 -8.85 -7.15
N SER A 372 -17.58 -8.23 -7.55
CA SER A 372 -16.92 -8.67 -8.77
C SER A 372 -15.42 -8.94 -8.76
N ILE A 373 -14.73 -8.59 -7.68
CA ILE A 373 -13.30 -8.85 -7.63
C ILE A 373 -12.88 -9.39 -6.28
N VAL A 374 -11.63 -9.82 -6.19
CA VAL A 374 -11.11 -10.34 -4.93
C VAL A 374 -9.81 -9.59 -4.66
N SER A 375 -9.45 -9.43 -3.39
CA SER A 375 -8.23 -8.71 -3.04
C SER A 375 -7.02 -9.64 -3.00
N TYR A 376 -6.04 -9.37 -3.85
CA TYR A 376 -4.83 -10.20 -3.85
C TYR A 376 -4.03 -9.88 -2.60
N TYR A 377 -4.41 -8.80 -1.92
CA TYR A 377 -3.77 -8.40 -0.67
C TYR A 377 -4.33 -9.31 0.43
N ALA A 378 -5.64 -9.21 0.63
CA ALA A 378 -6.33 -9.98 1.67
C ALA A 378 -6.32 -11.49 1.45
N LYS A 379 -6.72 -11.93 0.27
CA LYS A 379 -6.72 -13.36 0.02
C LYS A 379 -5.28 -13.90 -0.03
N GLY A 380 -4.36 -13.08 -0.52
CA GLY A 380 -2.97 -13.50 -0.55
C GLY A 380 -2.51 -13.70 0.88
N ALA A 381 -3.02 -12.85 1.77
CA ALA A 381 -2.65 -12.93 3.17
C ALA A 381 -3.16 -14.24 3.78
N LEU A 382 -4.36 -14.65 3.39
CA LEU A 382 -4.92 -15.88 3.90
C LEU A 382 -4.18 -17.09 3.31
N ILE A 383 -3.68 -16.96 2.09
CA ILE A 383 -2.92 -18.02 1.45
C ILE A 383 -1.64 -18.18 2.27
N ALA A 384 -1.00 -17.05 2.57
CA ALA A 384 0.24 -17.07 3.35
C ALA A 384 -0.01 -17.73 4.71
N LEU A 385 -1.15 -17.41 5.32
CA LEU A 385 -1.52 -17.97 6.62
C LEU A 385 -1.61 -19.49 6.49
N SER A 386 -2.25 -19.95 5.43
CA SER A 386 -2.43 -21.37 5.19
C SER A 386 -1.08 -22.08 5.03
N LEU A 387 -0.23 -21.53 4.17
CA LEU A 387 1.09 -22.13 3.93
C LEU A 387 1.91 -22.22 5.21
N ASP A 388 1.89 -21.16 6.01
CA ASP A 388 2.65 -21.16 7.26
C ASP A 388 2.18 -22.30 8.18
N LEU A 389 0.86 -22.44 8.32
CA LEU A 389 0.30 -23.48 9.16
C LEU A 389 0.52 -24.87 8.57
N MSE A 390 0.31 -25.00 7.27
CA MSE A 390 0.49 -26.28 6.61
C MSE A 390 1.95 -26.77 6.66
O MSE A 390 2.21 -27.93 6.99
CB MSE A 390 0.04 -26.19 5.16
CG MSE A 390 -1.47 -26.14 5.02
SE MSE A 390 -2.03 -25.88 3.19
CE MSE A 390 -1.82 -27.69 2.52
N LEU A 391 2.88 -25.88 6.35
CA LEU A 391 4.29 -26.22 6.38
C LEU A 391 4.74 -26.62 7.78
N ARG A 392 4.15 -25.99 8.80
CA ARG A 392 4.51 -26.32 10.17
C ARG A 392 4.06 -27.72 10.55
N LEU A 393 2.83 -28.08 10.21
CA LEU A 393 2.31 -29.40 10.53
C LEU A 393 3.03 -30.51 9.74
N GLN A 394 3.34 -30.21 8.49
CA GLN A 394 4.00 -31.17 7.60
C GLN A 394 5.49 -31.38 7.87
N SER A 395 6.09 -30.48 8.66
CA SER A 395 7.51 -30.59 8.99
C SER A 395 7.65 -30.65 10.50
N ASP A 396 6.55 -30.95 11.16
CA ASP A 396 6.49 -31.02 12.61
C ASP A 396 7.14 -29.77 13.21
N HIS A 397 6.68 -28.62 12.72
CA HIS A 397 7.11 -27.31 13.17
C HIS A 397 8.57 -26.92 12.95
N LYS A 398 9.22 -27.55 11.97
CA LYS A 398 10.61 -27.23 11.70
C LYS A 398 10.75 -26.22 10.57
N LEU A 399 9.76 -26.20 9.68
CA LEU A 399 9.78 -25.29 8.55
C LEU A 399 8.60 -24.31 8.65
N THR A 400 8.91 -23.02 8.71
CA THR A 400 7.87 -21.99 8.78
C THR A 400 7.84 -21.23 7.45
N LEU A 401 6.78 -20.47 7.21
CA LEU A 401 6.70 -19.69 5.98
C LEU A 401 7.81 -18.63 6.01
N ALA A 402 8.12 -18.15 7.22
CA ALA A 402 9.17 -17.15 7.37
C ALA A 402 10.48 -17.75 6.83
N ARG A 403 10.78 -18.98 7.21
CA ARG A 403 11.98 -19.65 6.74
C ARG A 403 11.97 -19.74 5.21
N VAL A 404 10.80 -20.04 4.64
CA VAL A 404 10.68 -20.14 3.21
C VAL A 404 10.99 -18.80 2.54
N MSE A 405 10.54 -17.70 3.15
CA MSE A 405 10.78 -16.36 2.60
C MSE A 405 12.28 -16.09 2.59
O MSE A 405 12.82 -15.59 1.59
CB MSE A 405 10.06 -15.28 3.42
CG MSE A 405 8.54 -15.39 3.42
SE MSE A 405 7.75 -15.30 1.66
CE MSE A 405 8.42 -13.55 1.14
N LYS A 406 12.95 -16.40 3.69
CA LYS A 406 14.39 -16.20 3.81
C LYS A 406 15.11 -16.88 2.65
N GLU A 407 14.86 -18.18 2.52
CA GLU A 407 15.47 -18.97 1.47
C GLU A 407 15.12 -18.48 0.07
N LEU A 408 13.84 -18.19 -0.17
CA LEU A 408 13.46 -17.70 -1.49
C LEU A 408 14.19 -16.40 -1.78
N TRP A 409 14.41 -15.59 -0.75
CA TRP A 409 15.10 -14.33 -0.94
C TRP A 409 16.57 -14.52 -1.32
N HIS A 410 17.26 -15.44 -0.64
CA HIS A 410 18.66 -15.69 -0.94
C HIS A 410 18.85 -16.32 -2.31
N GLU A 411 17.88 -17.13 -2.72
CA GLU A 411 17.96 -17.80 -4.02
C GLU A 411 17.61 -16.90 -5.20
N PHE A 412 16.47 -16.25 -5.15
CA PHE A 412 16.02 -15.44 -6.26
C PHE A 412 16.07 -13.93 -6.04
N GLY A 413 16.16 -13.50 -4.78
CA GLY A 413 16.19 -12.08 -4.49
C GLY A 413 17.58 -11.48 -4.45
N LYS A 414 18.39 -11.94 -3.51
CA LYS A 414 19.75 -11.44 -3.36
C LYS A 414 20.53 -11.56 -4.67
N THR A 415 20.12 -12.50 -5.50
CA THR A 415 20.77 -12.76 -6.79
C THR A 415 20.17 -11.99 -7.96
N SER A 416 19.04 -11.34 -7.75
CA SER A 416 18.37 -10.57 -8.80
C SER A 416 17.88 -11.48 -9.94
N ILE A 417 17.72 -12.76 -9.64
CA ILE A 417 17.27 -13.72 -10.63
C ILE A 417 15.83 -13.48 -11.05
N GLY A 418 14.96 -13.20 -10.07
CA GLY A 418 13.56 -12.95 -10.36
C GLY A 418 12.74 -14.23 -10.29
N THR A 419 11.45 -14.06 -10.03
CA THR A 419 10.55 -15.21 -9.94
C THR A 419 9.55 -15.23 -11.10
N ALA A 420 9.34 -16.42 -11.66
CA ALA A 420 8.38 -16.59 -12.75
C ALA A 420 7.06 -16.93 -12.06
N ASP A 421 5.96 -16.90 -12.80
CA ASP A 421 4.65 -17.17 -12.21
C ASP A 421 4.55 -18.46 -11.41
N ASP A 422 5.24 -19.51 -11.84
CA ASP A 422 5.17 -20.80 -11.16
C ASP A 422 6.36 -21.14 -10.26
N THR A 423 7.31 -20.22 -10.17
CA THR A 423 8.51 -20.45 -9.34
C THR A 423 8.24 -20.87 -7.91
N VAL A 424 7.42 -20.10 -7.19
CA VAL A 424 7.13 -20.42 -5.79
C VAL A 424 6.44 -21.76 -5.57
N ILE A 425 5.42 -22.08 -6.37
CA ILE A 425 4.74 -23.36 -6.17
C ILE A 425 5.68 -24.53 -6.50
N ASN A 426 6.43 -24.42 -7.60
CA ASN A 426 7.37 -25.47 -7.98
C ASN A 426 8.45 -25.60 -6.92
N TRP A 427 8.90 -24.47 -6.38
CA TRP A 427 9.93 -24.46 -5.35
C TRP A 427 9.44 -25.25 -4.13
N LEU A 428 8.15 -25.15 -3.85
CA LEU A 428 7.58 -25.86 -2.71
C LEU A 428 7.30 -27.32 -3.07
N ASN A 429 6.92 -27.57 -4.34
CA ASN A 429 6.65 -28.93 -4.77
C ASN A 429 7.90 -29.80 -4.89
N GLN A 430 9.07 -29.17 -4.87
CA GLN A 430 10.32 -29.88 -4.94
C GLN A 430 11.08 -29.74 -3.61
N TYR A 431 10.34 -29.45 -2.55
CA TYR A 431 10.91 -29.29 -1.21
C TYR A 431 10.62 -30.60 -0.47
N PRO A 432 11.66 -31.28 0.01
CA PRO A 432 11.55 -32.56 0.72
C PRO A 432 10.64 -32.62 1.95
N GLY A 433 9.66 -33.51 1.88
CA GLY A 433 8.75 -33.71 3.01
C GLY A 433 7.48 -32.89 3.07
N ILE A 434 7.23 -32.07 2.06
CA ILE A 434 6.02 -31.24 2.07
C ILE A 434 5.32 -31.24 0.72
N ASP A 435 3.99 -31.26 0.77
CA ASP A 435 3.15 -31.23 -0.42
C ASP A 435 1.98 -30.27 -0.19
N ILE A 436 2.00 -29.16 -0.91
CA ILE A 436 0.94 -28.15 -0.79
C ILE A 436 0.42 -27.81 -2.18
N SER A 437 0.86 -28.58 -3.17
CA SER A 437 0.48 -28.36 -4.57
C SER A 437 -1.01 -28.19 -4.86
N ASP A 438 -1.82 -29.20 -4.53
CA ASP A 438 -3.25 -29.10 -4.80
C ASP A 438 -3.88 -27.89 -4.14
N PHE A 439 -3.50 -27.63 -2.89
CA PHE A 439 -4.05 -26.50 -2.17
C PHE A 439 -3.72 -25.17 -2.85
N LEU A 440 -2.42 -24.93 -3.08
CA LEU A 440 -1.96 -23.69 -3.68
C LEU A 440 -2.52 -23.43 -5.08
N LYS A 441 -2.65 -24.48 -5.89
CA LYS A 441 -3.19 -24.31 -7.24
C LYS A 441 -4.66 -23.87 -7.18
N ASP A 442 -5.42 -24.41 -6.23
CA ASP A 442 -6.82 -24.04 -6.09
C ASP A 442 -6.90 -22.63 -5.50
N ALA A 443 -6.02 -22.34 -4.56
CA ALA A 443 -5.99 -21.03 -3.92
C ALA A 443 -5.63 -19.95 -4.93
N LEU A 444 -4.77 -20.31 -5.87
CA LEU A 444 -4.27 -19.40 -6.89
C LEU A 444 -5.11 -19.25 -8.16
N TYR A 445 -5.70 -20.34 -8.64
CA TYR A 445 -6.46 -20.26 -9.89
C TYR A 445 -7.96 -20.53 -9.84
N ASN A 446 -8.45 -21.02 -8.71
CA ASN A 446 -9.89 -21.25 -8.59
C ASN A 446 -10.56 -20.02 -7.97
N LYS A 447 -11.89 -19.99 -8.02
CA LYS A 447 -12.64 -18.88 -7.45
C LYS A 447 -13.58 -19.40 -6.36
N GLU A 448 -13.00 -19.80 -5.24
CA GLU A 448 -13.75 -20.35 -4.12
C GLU A 448 -13.11 -19.93 -2.79
N SER A 449 -13.75 -20.27 -1.69
CA SER A 449 -13.23 -19.93 -0.36
C SER A 449 -12.13 -20.89 0.04
N LEU A 450 -11.26 -20.45 0.95
CA LEU A 450 -10.19 -21.29 1.43
C LEU A 450 -10.68 -21.92 2.74
N SER A 451 -10.18 -23.10 3.07
CA SER A 451 -10.58 -23.77 4.29
C SER A 451 -9.50 -23.54 5.35
N LEU A 452 -9.79 -22.69 6.33
CA LEU A 452 -8.83 -22.41 7.39
C LEU A 452 -9.31 -22.86 8.75
N VAL A 453 -10.58 -23.23 8.84
CA VAL A 453 -11.16 -23.66 10.10
C VAL A 453 -10.43 -24.86 10.70
N GLU A 454 -10.25 -25.90 9.89
CA GLU A 454 -9.57 -27.12 10.33
C GLU A 454 -8.12 -26.79 10.67
N LEU A 455 -7.47 -26.07 9.77
CA LEU A 455 -6.07 -25.67 9.92
C LEU A 455 -5.84 -24.92 11.23
N LEU A 456 -6.73 -23.99 11.55
CA LEU A 456 -6.61 -23.19 12.79
C LEU A 456 -6.95 -24.00 14.02
N GLN A 457 -7.83 -24.99 13.85
CA GLN A 457 -8.24 -25.85 14.95
C GLN A 457 -7.01 -26.66 15.39
N ASN A 458 -6.20 -27.06 14.42
CA ASN A 458 -5.00 -27.82 14.71
C ASN A 458 -4.01 -27.04 15.55
N PHE A 459 -4.23 -25.74 15.67
CA PHE A 459 -3.33 -24.90 16.47
C PHE A 459 -4.05 -24.33 17.67
N GLY A 460 -5.24 -24.86 17.96
CA GLY A 460 -5.99 -24.41 19.10
C GLY A 460 -6.77 -23.11 18.92
N VAL A 461 -7.01 -22.74 17.68
CA VAL A 461 -7.77 -21.51 17.40
C VAL A 461 -9.19 -21.82 16.96
N MSE A 462 -10.15 -21.28 17.70
CA MSE A 462 -11.57 -21.48 17.40
C MSE A 462 -12.11 -20.37 16.49
O MSE A 462 -11.77 -19.20 16.65
CB MSE A 462 -12.35 -21.53 18.72
CG MSE A 462 -13.86 -21.39 18.58
SE MSE A 462 -14.74 -21.49 20.31
CE MSE A 462 -14.15 -19.82 21.08
N VAL A 463 -12.96 -20.75 15.53
CA VAL A 463 -13.56 -19.78 14.62
C VAL A 463 -15.08 -19.79 14.70
N GLN A 464 -15.66 -18.65 15.05
CA GLN A 464 -17.11 -18.54 15.12
C GLN A 464 -17.58 -17.34 14.31
N LYS A 465 -18.57 -17.56 13.46
CA LYS A 465 -19.11 -16.49 12.62
C LYS A 465 -20.34 -15.89 13.27
N GLN A 466 -20.57 -14.61 13.01
CA GLN A 466 -21.73 -13.93 13.58
C GLN A 466 -22.06 -12.68 12.78
N VAL A 467 -23.26 -12.16 12.97
CA VAL A 467 -23.68 -10.95 12.28
C VAL A 467 -23.01 -9.78 12.98
N PRO A 468 -22.43 -8.86 12.19
CA PRO A 468 -21.76 -7.68 12.78
C PRO A 468 -22.78 -6.76 13.44
N VAL A 469 -22.31 -5.81 14.25
CA VAL A 469 -23.22 -4.91 14.93
C VAL A 469 -23.98 -4.02 13.95
N ASP A 470 -23.42 -3.84 12.76
CA ASP A 470 -24.04 -3.06 11.70
C ASP A 470 -23.33 -3.36 10.37
N ASP A 471 -23.90 -2.89 9.27
CA ASP A 471 -23.35 -3.12 7.94
C ASP A 471 -21.90 -2.65 7.74
N ASN A 472 -21.47 -1.67 8.53
CA ASN A 472 -20.13 -1.12 8.40
C ASN A 472 -19.13 -1.61 9.43
N SER A 473 -19.47 -2.66 10.16
CA SER A 473 -18.58 -3.15 11.20
C SER A 473 -18.10 -4.59 11.03
N VAL A 474 -17.90 -5.02 9.79
CA VAL A 474 -17.42 -6.39 9.59
C VAL A 474 -16.01 -6.48 10.18
N GLY A 475 -15.88 -7.07 11.36
CA GLY A 475 -14.56 -7.16 11.93
C GLY A 475 -14.16 -8.56 12.35
N GLY A 476 -13.13 -8.64 13.20
CA GLY A 476 -12.67 -9.91 13.68
C GLY A 476 -12.84 -9.77 15.19
N LYS A 477 -13.72 -8.84 15.58
CA LYS A 477 -14.00 -8.55 16.97
C LYS A 477 -15.45 -8.89 17.28
N ALA A 478 -15.66 -9.59 18.38
CA ALA A 478 -17.01 -9.99 18.73
C ALA A 478 -17.73 -8.78 19.28
N SER A 479 -18.98 -9.02 19.70
CA SER A 479 -19.76 -7.96 20.32
C SER A 479 -20.95 -8.65 20.92
N GLU A 480 -21.32 -8.21 22.13
CA GLU A 480 -22.48 -8.83 22.80
C GLU A 480 -23.71 -8.28 22.06
N GLN A 481 -23.48 -7.47 21.00
CA GLN A 481 -24.63 -6.84 20.32
C GLN A 481 -24.81 -7.09 18.81
N PRO A 482 -24.88 -8.36 18.40
CA PRO A 482 -25.07 -8.73 16.99
C PRO A 482 -26.40 -8.23 16.48
N ALA A 483 -26.44 -7.80 15.21
CA ALA A 483 -27.67 -7.32 14.62
C ALA A 483 -28.53 -8.44 14.07
N ARG A 484 -29.85 -8.28 14.15
CA ARG A 484 -30.79 -9.28 13.66
C ARG A 484 -31.03 -9.08 12.17
N VAL A 485 -30.92 -7.84 11.72
CA VAL A 485 -31.12 -7.54 10.30
C VAL A 485 -30.09 -6.52 9.82
N ASN A 486 -29.88 -6.45 8.51
CA ASN A 486 -28.98 -5.45 7.95
C ASN A 486 -29.27 -5.20 6.48
N PHE A 487 -28.82 -4.07 5.98
CA PHE A 487 -29.07 -3.71 4.60
C PHE A 487 -28.39 -4.57 3.59
N GLY A 488 -27.23 -5.11 3.94
CA GLY A 488 -26.48 -5.87 2.97
C GLY A 488 -25.88 -4.77 2.09
N ALA A 489 -25.46 -3.69 2.75
CA ALA A 489 -24.89 -2.54 2.08
C ALA A 489 -24.12 -1.65 3.06
N LYS A 490 -22.99 -1.11 2.62
CA LYS A 490 -22.21 -0.21 3.46
C LYS A 490 -22.76 1.20 3.27
N TYR A 491 -22.63 2.03 4.31
CA TYR A 491 -23.12 3.39 4.22
C TYR A 491 -22.39 4.33 5.16
N LYS A 492 -22.51 5.62 4.87
CA LYS A 492 -21.92 6.67 5.67
C LYS A 492 -23.11 7.45 6.26
N ALA A 493 -23.28 7.33 7.58
CA ALA A 493 -24.38 8.00 8.28
C ALA A 493 -24.05 9.41 8.75
N SER A 494 -25.03 10.28 8.69
CA SER A 494 -24.88 11.66 9.12
C SER A 494 -26.28 12.16 9.44
N PRO A 495 -26.41 13.36 9.99
CA PRO A 495 -27.73 13.89 10.34
C PRO A 495 -28.61 14.03 9.08
N GLN A 496 -27.96 14.16 7.93
CA GLN A 496 -28.68 14.33 6.67
C GLN A 496 -29.17 13.00 6.08
N GLY A 497 -28.72 11.89 6.63
CA GLY A 497 -29.15 10.61 6.10
C GLY A 497 -28.03 9.59 6.01
N LEU A 498 -28.30 8.47 5.34
CA LEU A 498 -27.33 7.41 5.17
C LEU A 498 -26.86 7.35 3.71
N ASP A 499 -25.64 7.80 3.44
CA ASP A 499 -25.12 7.76 2.08
C ASP A 499 -24.60 6.35 1.77
N VAL A 500 -25.25 5.69 0.82
CA VAL A 500 -24.88 4.33 0.45
C VAL A 500 -23.56 4.24 -0.32
N LEU A 501 -22.64 3.42 0.18
CA LEU A 501 -21.33 3.25 -0.44
C LEU A 501 -21.24 1.99 -1.32
N ASN A 502 -21.73 0.86 -0.81
CA ASN A 502 -21.71 -0.39 -1.57
C ASN A 502 -22.99 -1.20 -1.34
N VAL A 503 -23.49 -1.85 -2.37
CA VAL A 503 -24.67 -2.69 -2.20
C VAL A 503 -24.28 -4.11 -2.57
N TYR A 504 -24.37 -5.02 -1.61
CA TYR A 504 -24.01 -6.43 -1.83
C TYR A 504 -25.06 -7.18 -2.60
N HIS A 505 -24.60 -7.83 -3.66
CA HIS A 505 -25.46 -8.61 -4.54
C HIS A 505 -26.39 -9.58 -3.81
N ASP A 506 -27.64 -9.65 -4.28
CA ASP A 506 -28.65 -10.56 -3.74
C ASP A 506 -29.07 -10.38 -2.28
N GLU A 507 -28.69 -9.26 -1.66
CA GLU A 507 -29.08 -9.05 -0.27
C GLU A 507 -30.23 -8.03 -0.13
N SER A 508 -30.59 -7.68 1.10
CA SER A 508 -31.72 -6.77 1.35
C SER A 508 -31.81 -5.48 0.53
N ALA A 509 -30.80 -4.62 0.62
CA ALA A 509 -30.78 -3.37 -0.12
C ALA A 509 -30.94 -3.65 -1.62
N TYR A 510 -30.23 -4.66 -2.07
CA TYR A 510 -30.27 -5.04 -3.47
C TYR A 510 -31.66 -5.32 -3.99
N HIS A 511 -32.45 -6.08 -3.24
CA HIS A 511 -33.79 -6.43 -3.67
C HIS A 511 -34.77 -5.28 -3.64
N ALA A 512 -34.49 -4.31 -2.77
CA ALA A 512 -35.35 -3.14 -2.65
C ALA A 512 -35.09 -2.15 -3.78
N GLY A 513 -33.92 -2.28 -4.42
CA GLY A 513 -33.58 -1.40 -5.50
C GLY A 513 -32.73 -0.21 -5.10
N LEU A 514 -31.99 -0.33 -4.01
CA LEU A 514 -31.11 0.76 -3.56
C LEU A 514 -29.77 0.58 -4.26
N SER A 515 -29.05 1.68 -4.47
CA SER A 515 -27.77 1.61 -5.13
C SER A 515 -26.74 2.51 -4.49
N ALA A 516 -25.47 2.20 -4.73
CA ALA A 516 -24.39 3.02 -4.20
C ALA A 516 -24.64 4.41 -4.73
N GLY A 517 -24.48 5.43 -3.88
CA GLY A 517 -24.71 6.80 -4.31
C GLY A 517 -26.03 7.34 -3.81
N ASP A 518 -27.00 6.47 -3.60
CA ASP A 518 -28.30 6.87 -3.09
C ASP A 518 -28.15 7.34 -1.64
N LYS A 519 -29.09 8.15 -1.18
CA LYS A 519 -29.06 8.61 0.20
C LYS A 519 -30.37 8.25 0.88
N ILE A 520 -30.32 7.30 1.80
CA ILE A 520 -31.50 6.88 2.52
C ILE A 520 -31.87 8.01 3.46
N ILE A 521 -33.11 8.46 3.34
CA ILE A 521 -33.63 9.57 4.11
C ILE A 521 -34.58 9.14 5.23
N ALA A 522 -35.28 8.04 5.03
CA ALA A 522 -36.19 7.53 6.04
C ALA A 522 -36.34 6.01 5.95
N ILE A 523 -36.59 5.38 7.09
CA ILE A 523 -36.81 3.95 7.16
C ILE A 523 -38.10 3.78 7.94
N ASP A 524 -39.08 3.10 7.35
CA ASP A 524 -40.37 2.89 7.99
C ASP A 524 -41.00 4.25 8.35
N HIS A 525 -40.77 5.25 7.51
CA HIS A 525 -41.29 6.60 7.69
C HIS A 525 -40.61 7.37 8.82
N LEU A 526 -39.50 6.86 9.34
CA LEU A 526 -38.76 7.54 10.40
C LEU A 526 -37.43 8.07 9.89
N GLN A 527 -37.10 9.30 10.27
CA GLN A 527 -35.86 9.91 9.83
C GLN A 527 -34.64 9.04 10.10
N ALA A 528 -33.88 8.74 9.06
CA ALA A 528 -32.69 7.91 9.20
C ALA A 528 -31.45 8.79 9.39
N THR A 529 -30.72 8.58 10.47
CA THR A 529 -29.53 9.36 10.74
C THR A 529 -28.49 8.46 11.40
N GLU A 530 -27.36 9.07 11.74
CA GLU A 530 -26.28 8.35 12.41
C GLU A 530 -26.82 7.94 13.77
N GLN A 531 -27.59 8.85 14.37
CA GLN A 531 -28.19 8.67 15.68
C GLN A 531 -29.30 7.63 15.73
N SER A 532 -30.14 7.60 14.71
CA SER A 532 -31.27 6.68 14.72
C SER A 532 -31.21 5.35 13.98
N VAL A 533 -30.28 5.21 13.03
CA VAL A 533 -30.25 3.98 12.24
C VAL A 533 -30.18 2.66 13.00
N LYS A 534 -29.38 2.58 14.05
CA LYS A 534 -29.29 1.34 14.81
C LYS A 534 -30.52 1.10 15.72
N ARG A 535 -31.08 2.17 16.28
CA ARG A 535 -32.28 2.05 17.12
C ARG A 535 -33.39 1.49 16.24
N ILE A 536 -33.58 2.14 15.09
CA ILE A 536 -34.60 1.73 14.12
C ILE A 536 -34.47 0.26 13.71
N LEU A 537 -33.25 -0.20 13.46
CA LEU A 537 -33.05 -1.58 13.03
C LEU A 537 -33.13 -2.66 14.10
N GLU A 538 -33.06 -2.29 15.37
CA GLU A 538 -33.15 -3.28 16.45
C GLU A 538 -34.63 -3.63 16.67
N ARG A 539 -35.48 -3.17 15.76
CA ARG A 539 -36.91 -3.40 15.87
C ARG A 539 -37.41 -4.40 14.87
N TYR A 540 -36.51 -4.89 14.03
CA TYR A 540 -36.92 -5.83 13.00
C TYR A 540 -36.23 -7.17 13.08
N ILE A 541 -36.87 -8.16 12.46
CA ILE A 541 -36.33 -9.50 12.37
C ILE A 541 -36.53 -9.93 10.92
N PRO A 542 -35.76 -10.92 10.46
CA PRO A 542 -35.91 -11.35 9.07
C PRO A 542 -37.37 -11.62 8.70
N GLY A 543 -37.78 -11.14 7.54
CA GLY A 543 -39.15 -11.33 7.10
C GLY A 543 -39.99 -10.08 7.22
N ASP A 544 -39.57 -9.14 8.07
CA ASP A 544 -40.34 -7.91 8.22
C ASP A 544 -40.13 -7.02 7.00
N THR A 545 -41.17 -6.28 6.64
CA THR A 545 -41.09 -5.38 5.52
C THR A 545 -41.34 -3.94 5.93
N VAL A 546 -40.50 -3.04 5.43
CA VAL A 546 -40.62 -1.62 5.72
C VAL A 546 -40.44 -0.84 4.43
N THR A 547 -40.89 0.41 4.44
CA THR A 547 -40.76 1.27 3.29
C THR A 547 -39.49 2.09 3.48
N ILE A 548 -38.74 2.27 2.40
CA ILE A 548 -37.51 3.05 2.47
C ILE A 548 -37.67 4.25 1.56
N HIS A 549 -37.29 5.43 2.05
CA HIS A 549 -37.36 6.62 1.23
C HIS A 549 -35.90 7.03 1.00
N ALA A 550 -35.50 7.14 -0.25
CA ALA A 550 -34.13 7.49 -0.53
C ALA A 550 -34.02 8.27 -1.80
N PHE A 551 -33.01 9.11 -1.85
CA PHE A 551 -32.77 9.93 -3.02
C PHE A 551 -31.75 9.32 -3.96
N ARG A 552 -32.07 9.26 -5.25
CA ARG A 552 -31.07 8.78 -6.21
C ARG A 552 -30.90 10.14 -6.92
N ARG A 553 -29.70 10.72 -6.83
CA ARG A 553 -29.44 12.07 -7.39
C ARG A 553 -30.50 12.93 -6.66
N ASP A 554 -31.32 13.69 -7.39
CA ASP A 554 -32.31 14.52 -6.72
C ASP A 554 -33.72 13.95 -6.83
N GLU A 555 -33.82 12.66 -7.14
CA GLU A 555 -35.13 12.00 -7.26
C GLU A 555 -35.37 11.20 -5.99
N LEU A 556 -36.56 11.38 -5.39
CA LEU A 556 -36.91 10.65 -4.18
C LEU A 556 -37.59 9.35 -4.56
N MSE A 557 -37.03 8.25 -4.07
CA MSE A 557 -37.58 6.94 -4.34
C MSE A 557 -38.32 6.43 -3.12
O MSE A 557 -37.89 6.64 -1.99
CB MSE A 557 -36.47 5.94 -4.69
CG MSE A 557 -35.63 6.29 -5.90
SE MSE A 557 -34.22 4.97 -6.18
CE MSE A 557 -33.22 5.25 -4.56
N THR A 558 -39.45 5.77 -3.36
CA THR A 558 -40.24 5.17 -2.28
C THR A 558 -40.11 3.69 -2.57
N LEU A 559 -39.27 3.02 -1.79
CA LEU A 559 -39.01 1.60 -1.99
C LEU A 559 -39.53 0.71 -0.87
N GLU A 560 -39.73 -0.56 -1.20
CA GLU A 560 -40.17 -1.55 -0.22
C GLU A 560 -38.99 -2.48 0.03
N LEU A 561 -38.67 -2.70 1.28
CA LEU A 561 -37.56 -3.59 1.62
C LEU A 561 -37.95 -4.66 2.64
N THR A 562 -37.53 -5.89 2.36
CA THR A 562 -37.83 -6.99 3.27
C THR A 562 -36.49 -7.48 3.82
N TRP A 563 -36.33 -7.39 5.12
CA TRP A 563 -35.09 -7.79 5.78
C TRP A 563 -34.83 -9.27 5.61
N GLN A 564 -33.68 -9.60 5.03
CA GLN A 564 -33.31 -11.00 4.82
C GLN A 564 -32.61 -11.51 6.07
N GLU A 565 -32.28 -12.80 6.04
CA GLU A 565 -31.54 -13.42 7.14
C GLU A 565 -30.13 -12.91 6.86
N PRO A 566 -29.62 -11.99 7.70
CA PRO A 566 -28.29 -11.42 7.50
C PRO A 566 -27.14 -12.42 7.50
N ALA A 567 -26.09 -12.10 6.75
CA ALA A 567 -24.92 -12.94 6.65
C ALA A 567 -24.11 -12.91 7.94
N LYS A 568 -23.65 -14.08 8.37
CA LYS A 568 -22.81 -14.17 9.57
C LYS A 568 -21.42 -13.94 8.98
N SER A 569 -21.15 -12.68 8.68
CA SER A 569 -19.91 -12.22 8.05
C SER A 569 -18.72 -11.88 8.95
N SER A 570 -18.95 -11.70 10.24
CA SER A 570 -17.85 -11.41 11.15
C SER A 570 -17.20 -12.71 11.61
N TYR A 571 -15.95 -12.92 11.20
CA TYR A 571 -15.23 -14.12 11.62
C TYR A 571 -14.40 -13.75 12.85
N VAL A 572 -14.86 -14.18 14.02
CA VAL A 572 -14.16 -13.89 15.26
C VAL A 572 -13.23 -15.06 15.63
N LEU A 573 -11.95 -14.74 15.81
CA LEU A 573 -10.95 -15.74 16.15
C LEU A 573 -10.45 -15.65 17.59
N SER A 574 -10.34 -16.80 18.23
CA SER A 574 -9.88 -16.87 19.60
C SER A 574 -9.10 -18.17 19.87
N VAL A 575 -8.14 -18.10 20.77
CA VAL A 575 -7.35 -19.25 21.13
C VAL A 575 -8.04 -19.95 22.30
N GLU A 576 -8.43 -21.20 22.08
CA GLU A 576 -9.11 -21.98 23.13
C GLU A 576 -8.25 -23.13 23.64
N GLN A 577 -7.23 -23.49 22.87
CA GLN A 577 -6.31 -24.58 23.22
C GLN A 577 -4.87 -24.08 23.06
N PRO A 578 -4.40 -23.26 24.02
CA PRO A 578 -3.06 -22.66 24.05
C PRO A 578 -1.91 -23.61 23.71
N ASP A 579 -1.90 -24.78 24.34
CA ASP A 579 -0.84 -25.74 24.13
C ASP A 579 -0.75 -26.30 22.71
N LYS A 580 -1.70 -25.94 21.86
CA LYS A 580 -1.67 -26.41 20.48
C LYS A 580 -1.06 -25.36 19.55
N LEU A 581 -0.79 -24.17 20.09
CA LEU A 581 -0.21 -23.07 19.33
C LEU A 581 1.15 -23.44 18.74
N LYS A 582 1.92 -24.20 19.51
CA LYS A 582 3.25 -24.65 19.08
C LYS A 582 4.15 -23.50 18.62
N GLY A 583 4.09 -22.38 19.32
CA GLY A 583 4.94 -21.25 18.95
C GLY A 583 4.49 -20.36 17.80
N TRP A 584 3.40 -20.72 17.14
CA TRP A 584 2.92 -19.87 16.04
C TRP A 584 2.49 -18.55 16.68
N LEU A 585 1.89 -18.65 17.85
CA LEU A 585 1.44 -17.48 18.60
C LEU A 585 1.89 -17.64 20.04
N THR A 586 2.05 -16.53 20.74
CA THR A 586 2.47 -16.54 22.14
C THR A 586 1.31 -16.03 22.99
N PRO A 587 0.74 -16.89 23.84
CA PRO A 587 -0.38 -16.54 24.72
C PRO A 587 0.01 -15.63 25.89
C1 MAE B . 1.67 -1.33 -1.27
O1 MAE B . 1.34 -2.21 -2.15
O2 MAE B . 2.78 -1.45 -0.71
C2 MAE B . 0.73 -0.22 -1.02
C3 MAE B . 0.39 0.83 -1.76
C4 MAE B . 0.90 1.17 -3.09
O3 MAE B . 1.77 0.53 -3.72
O4 MAE B . 0.36 2.17 -3.60
ZN ZN C . 2.60 -3.67 -0.37
#